data_3R1J
#
_entry.id   3R1J
#
_cell.length_a   70.950
_cell.length_b   105.310
_cell.length_c   89.250
_cell.angle_alpha   90.000
_cell.angle_beta   90.000
_cell.angle_gamma   90.000
#
_symmetry.space_group_name_H-M   'P 21 21 2'
#
loop_
_entity.id
_entity.type
_entity.pdbx_description
1 polymer 'Alpha-ketoglutarate-dependent taurine dioxygenase'
2 non-polymer 1,2-ETHANEDIOL
3 non-polymer 'FE (III) ION'
4 non-polymer 'CHLORIDE ION'
5 water water
#
_entity_poly.entity_id   1
_entity_poly.type   'polypeptide(L)'
_entity_poly.pdbx_seq_one_letter_code
;GPGSMTGQITVTKLGSRIGARVDGVRLGGDLDDATVEQIRRALLTHKVIFFRHQHHLDDSRQLEFARLLGTPIGHPAASA
LAAKHLPVITPIDSEYGKATRWHTDVTFAANYPAASILRAVTLPSYGGSTLWASTVAAYQQLPEPLRHLTENLWALHTNR
YDYVRNDPMNDTQRAFRQAFEKPDFRTEHPVVRVHPETGERALLAGDFVRGFVGLDGHESSVLLELLQRRITMPENTVRW
SWAPGDVAMWDNRATQHRAIDDYDDQPRLMHRITLMGDVPVNVHGERSRVISGAPLEVLAS
;
_entity_poly.pdbx_strand_id   A,B
#
# COMPACT_ATOMS: atom_id res chain seq x y z
N ILE A 9 17.58 32.60 25.46
CA ILE A 9 16.76 31.43 24.98
C ILE A 9 17.57 30.56 24.01
N THR A 10 17.80 29.30 24.36
CA THR A 10 18.52 28.39 23.46
C THR A 10 17.69 27.14 23.11
N VAL A 11 17.89 26.63 21.91
CA VAL A 11 17.19 25.44 21.43
C VAL A 11 18.28 24.41 21.06
N THR A 12 18.26 23.24 21.69
CA THR A 12 19.25 22.20 21.45
C THR A 12 18.56 20.94 20.96
N LYS A 13 18.92 20.45 19.77
CA LYS A 13 18.35 19.23 19.19
C LYS A 13 18.61 18.06 20.10
N LEU A 14 17.62 17.17 20.21
CA LEU A 14 17.76 15.92 20.94
C LEU A 14 18.02 14.76 20.03
N GLY A 15 17.68 14.91 18.74
CA GLY A 15 17.89 13.88 17.74
C GLY A 15 17.77 14.46 16.35
N SER A 16 18.14 13.68 15.35
CA SER A 16 18.22 14.14 13.98
C SER A 16 16.89 14.62 13.39
N ARG A 17 15.80 13.92 13.71
CA ARG A 17 14.53 14.14 13.02
C ARG A 17 13.44 14.65 13.94
N ILE A 18 13.70 14.68 15.23
CA ILE A 18 12.67 15.05 16.19
C ILE A 18 13.30 15.41 17.50
N GLY A 19 12.75 16.45 18.12
CA GLY A 19 12.94 16.72 19.53
C GLY A 19 13.95 17.82 19.80
N ALA A 20 13.60 18.70 20.71
CA ALA A 20 14.55 19.73 21.13
C ALA A 20 14.26 20.15 22.53
N ARG A 21 15.30 20.59 23.21
CA ARG A 21 15.17 21.13 24.55
CA ARG A 21 15.21 21.12 24.55
C ARG A 21 15.33 22.63 24.44
N VAL A 22 14.41 23.35 25.08
CA VAL A 22 14.44 24.81 25.10
C VAL A 22 14.80 25.29 26.49
N ASP A 23 15.88 26.07 26.57
CA ASP A 23 16.40 26.55 27.86
C ASP A 23 16.36 28.07 27.90
N GLY A 24 16.40 28.61 29.10
CA GLY A 24 16.44 30.07 29.30
C GLY A 24 15.08 30.71 29.16
N VAL A 25 14.03 29.93 29.41
CA VAL A 25 12.64 30.41 29.37
C VAL A 25 11.91 30.00 30.66
N ARG A 26 11.21 30.95 31.26
CA ARG A 26 10.28 30.67 32.35
C ARG A 26 8.87 30.76 31.76
N LEU A 27 8.21 29.61 31.68
CA LEU A 27 6.91 29.55 31.04
C LEU A 27 5.85 30.33 31.84
N GLY A 28 5.07 31.14 31.14
CA GLY A 28 3.94 31.87 31.74
C GLY A 28 3.26 32.77 30.73
N GLY A 29 2.26 33.52 31.18
CA GLY A 29 1.53 34.43 30.30
C GLY A 29 2.22 35.75 30.05
N ASP A 30 3.39 35.96 30.65
CA ASP A 30 4.08 37.24 30.59
C ASP A 30 5.22 37.29 29.54
N LEU A 31 5.39 36.23 28.76
CA LEU A 31 6.46 36.17 27.77
C LEU A 31 6.23 37.21 26.67
N ASP A 32 7.28 37.90 26.25
CA ASP A 32 7.14 38.89 25.15
C ASP A 32 6.91 38.20 23.78
N ASP A 33 6.59 39.00 22.75
CA ASP A 33 6.24 38.46 21.43
C ASP A 33 7.39 37.69 20.77
N ALA A 34 8.61 38.23 20.90
CA ALA A 34 9.80 37.63 20.33
C ALA A 34 10.00 36.22 20.90
N THR A 35 9.75 36.06 22.20
CA THR A 35 9.98 34.80 22.88
C THR A 35 8.91 33.76 22.50
N VAL A 36 7.64 34.17 22.51
CA VAL A 36 6.55 33.32 22.06
C VAL A 36 6.83 32.83 20.63
N GLU A 37 7.26 33.75 19.76
CA GLU A 37 7.56 33.38 18.37
C GLU A 37 8.77 32.42 18.23
N GLN A 38 9.81 32.66 19.02
CA GLN A 38 10.95 31.73 19.05
C GLN A 38 10.48 30.33 19.47
N ILE A 39 9.60 30.28 20.47
CA ILE A 39 9.03 29.04 20.93
C ILE A 39 8.20 28.38 19.82
N ARG A 40 7.37 29.17 19.14
CA ARG A 40 6.53 28.66 18.05
CA ARG A 40 6.53 28.67 18.04
C ARG A 40 7.39 28.03 16.96
N ARG A 41 8.42 28.76 16.49
CA ARG A 41 9.36 28.23 15.49
C ARG A 41 10.06 26.95 15.95
N ALA A 42 10.43 26.88 17.23
CA ALA A 42 11.12 25.70 17.74
C ALA A 42 10.16 24.51 17.73
N LEU A 43 8.92 24.76 18.12
CA LEU A 43 7.89 23.73 18.08
C LEU A 43 7.66 23.19 16.66
N LEU A 44 7.47 24.09 15.73
CA LEU A 44 7.19 23.68 14.36
C LEU A 44 8.38 22.98 13.74
N THR A 45 9.59 23.43 14.08
CA THR A 45 10.81 22.80 13.52
C THR A 45 11.08 21.42 14.12
N HIS A 46 10.98 21.30 15.44
CA HIS A 46 11.48 20.11 16.12
C HIS A 46 10.35 19.15 16.50
N LYS A 47 9.10 19.61 16.33
CA LYS A 47 7.87 18.81 16.46
C LYS A 47 7.47 18.50 17.90
N VAL A 48 8.45 18.28 18.77
CA VAL A 48 8.20 18.24 20.19
C VAL A 48 9.38 18.91 20.89
N ILE A 49 9.05 19.80 21.83
CA ILE A 49 10.06 20.53 22.58
C ILE A 49 9.81 20.35 24.07
N PHE A 50 10.90 20.43 24.85
CA PHE A 50 10.86 20.20 26.28
C PHE A 50 11.51 21.36 27.00
N PHE A 51 10.87 21.79 28.08
CA PHE A 51 11.38 22.83 29.00
C PHE A 51 11.55 22.11 30.33
N ARG A 52 12.72 22.29 30.96
CA ARG A 52 13.00 21.72 32.26
C ARG A 52 12.98 22.80 33.33
N HIS A 53 12.91 22.38 34.59
CA HIS A 53 13.06 23.25 35.74
C HIS A 53 11.94 24.28 35.84
N GLN A 54 10.75 23.96 35.37
CA GLN A 54 9.62 24.89 35.43
C GLN A 54 8.82 24.69 36.73
N HIS A 55 9.48 24.76 37.88
CA HIS A 55 8.80 24.42 39.16
C HIS A 55 7.83 25.47 39.65
N HIS A 56 7.90 26.67 39.08
CA HIS A 56 6.96 27.75 39.36
C HIS A 56 5.56 27.51 38.74
N LEU A 57 5.45 26.53 37.83
CA LEU A 57 4.18 26.37 37.10
C LEU A 57 3.08 25.76 37.94
N ASP A 58 1.87 26.26 37.77
CA ASP A 58 0.69 25.57 38.23
C ASP A 58 -0.33 25.59 37.08
N ASP A 59 -1.52 25.06 37.31
CA ASP A 59 -2.54 24.97 36.28
C ASP A 59 -2.81 26.32 35.61
N SER A 60 -3.02 27.35 36.43
CA SER A 60 -3.36 28.67 35.91
CA SER A 60 -3.35 28.69 35.95
C SER A 60 -2.24 29.27 35.07
N ARG A 61 -1.00 29.18 35.54
CA ARG A 61 0.11 29.73 34.77
C ARG A 61 0.35 28.94 33.49
N GLN A 62 0.19 27.62 33.54
CA GLN A 62 0.30 26.78 32.31
C GLN A 62 -0.73 27.22 31.27
N LEU A 63 -1.96 27.48 31.73
CA LEU A 63 -3.06 27.97 30.87
C LEU A 63 -2.78 29.36 30.30
N GLU A 64 -2.27 30.26 31.14
CA GLU A 64 -1.87 31.59 30.70
C GLU A 64 -0.79 31.52 29.60
N PHE A 65 0.16 30.63 29.78
CA PHE A 65 1.15 30.36 28.74
C PHE A 65 0.49 29.79 27.47
N ALA A 66 -0.35 28.77 27.61
CA ALA A 66 -1.00 28.13 26.48
C ALA A 66 -1.74 29.15 25.61
N ARG A 67 -2.42 30.10 26.26
CA ARG A 67 -3.17 31.13 25.55
CA ARG A 67 -3.18 31.10 25.52
C ARG A 67 -2.29 31.98 24.62
N LEU A 68 -1.00 32.06 24.90
CA LEU A 68 -0.06 32.80 24.03
C LEU A 68 0.19 32.10 22.68
N LEU A 69 0.03 30.80 22.64
CA LEU A 69 0.35 30.00 21.45
C LEU A 69 -0.88 29.48 20.72
N GLY A 70 -2.06 29.58 21.31
CA GLY A 70 -3.27 29.08 20.64
C GLY A 70 -4.51 29.22 21.52
N THR A 71 -5.58 28.55 21.10
CA THR A 71 -6.84 28.59 21.78
C THR A 71 -7.13 27.27 22.48
N PRO A 72 -7.08 27.25 23.82
CA PRO A 72 -7.26 25.96 24.49
C PRO A 72 -8.64 25.37 24.27
N ILE A 73 -8.70 24.04 24.13
CA ILE A 73 -9.96 23.35 23.90
C ILE A 73 -10.51 22.67 25.15
N GLY A 74 -11.76 22.21 25.05
CA GLY A 74 -12.47 21.51 26.13
C GLY A 74 -12.77 20.05 25.76
N ALA A 99 -4.24 5.23 25.74
CA ALA A 99 -3.10 6.13 25.97
C ALA A 99 -1.85 5.41 25.47
N THR A 100 -1.81 4.09 25.72
CA THR A 100 -0.66 3.23 25.33
C THR A 100 -0.73 2.58 23.93
N ARG A 101 -1.57 3.11 23.05
CA ARG A 101 -1.46 2.86 21.62
C ARG A 101 -0.94 4.13 20.97
N TRP A 102 -0.11 3.98 19.95
CA TRP A 102 0.34 5.12 19.16
C TRP A 102 -0.86 5.83 18.50
N HIS A 103 -0.94 7.14 18.67
CA HIS A 103 -2.04 7.92 18.08
C HIS A 103 -1.68 9.37 17.91
N THR A 104 -2.47 10.02 17.05
CA THR A 104 -2.54 11.46 16.96
C THR A 104 -3.84 11.84 17.72
N ASP A 105 -3.84 12.94 18.46
CA ASP A 105 -4.94 13.20 19.39
C ASP A 105 -6.21 13.51 18.68
N VAL A 106 -7.27 12.84 19.14
CA VAL A 106 -8.65 13.13 18.78
C VAL A 106 -8.90 13.13 17.28
N THR A 107 -8.19 12.29 16.53
CA THR A 107 -8.30 12.33 15.07
C THR A 107 -9.62 11.79 14.54
N PHE A 108 -10.43 11.17 15.41
CA PHE A 108 -11.82 10.85 15.09
C PHE A 108 -12.69 12.10 14.82
N ALA A 109 -12.24 13.27 15.26
CA ALA A 109 -12.92 14.55 14.96
C ALA A 109 -12.21 15.16 13.75
N ALA A 110 -12.93 16.03 13.02
CA ALA A 110 -12.39 16.68 11.82
C ALA A 110 -11.38 17.76 12.18
N ASN A 111 -11.74 18.62 13.13
CA ASN A 111 -10.87 19.73 13.52
C ASN A 111 -10.09 19.37 14.77
N TYR A 112 -9.21 18.40 14.66
CA TYR A 112 -8.58 17.84 15.83
C TYR A 112 -7.43 18.75 16.27
N PRO A 113 -6.87 18.49 17.45
CA PRO A 113 -6.00 19.53 18.02
C PRO A 113 -4.73 19.83 17.24
N ALA A 114 -4.28 21.08 17.34
CA ALA A 114 -3.00 21.50 16.74
C ALA A 114 -1.80 21.07 17.61
N ALA A 115 -1.96 21.08 18.91
CA ALA A 115 -0.82 20.95 19.83
C ALA A 115 -1.32 20.75 21.24
N SER A 116 -0.46 20.23 22.10
CA SER A 116 -0.73 20.14 23.53
C SER A 116 0.52 20.51 24.31
N ILE A 117 0.29 20.98 25.53
CA ILE A 117 1.33 21.34 26.48
C ILE A 117 1.06 20.53 27.72
N LEU A 118 2.06 19.76 28.15
CA LEU A 118 1.91 18.75 29.18
C LEU A 118 2.99 18.90 30.27
N ARG A 119 2.59 19.11 31.53
CA ARG A 119 3.57 19.20 32.62
C ARG A 119 3.37 18.04 33.58
N ALA A 120 4.46 17.63 34.19
CA ALA A 120 4.47 16.59 35.18
C ALA A 120 4.01 17.21 36.47
N VAL A 121 3.11 16.53 37.16
CA VAL A 121 2.70 16.93 38.50
C VAL A 121 3.24 15.92 39.50
N THR A 122 2.87 14.64 39.35
CA THR A 122 3.36 13.56 40.20
C THR A 122 3.90 12.42 39.34
N LEU A 123 5.17 12.05 39.59
CA LEU A 123 5.89 11.07 38.80
C LEU A 123 6.16 9.77 39.60
N PRO A 124 6.13 8.62 38.92
CA PRO A 124 6.44 7.36 39.59
C PRO A 124 7.93 7.20 39.80
N SER A 125 8.34 6.31 40.69
CA SER A 125 9.76 6.17 41.03
C SER A 125 10.56 5.57 39.88
N TYR A 126 9.89 4.90 38.95
CA TYR A 126 10.53 4.41 37.77
C TYR A 126 9.52 4.26 36.65
N GLY A 127 10.03 4.13 35.43
CA GLY A 127 9.23 4.06 34.24
C GLY A 127 8.52 5.36 33.97
N GLY A 128 7.48 5.32 33.14
CA GLY A 128 6.66 6.49 32.93
C GLY A 128 7.14 7.45 31.87
N SER A 129 8.04 6.99 31.00
CA SER A 129 8.51 7.81 29.87
C SER A 129 7.41 7.90 28.81
N THR A 130 7.52 8.90 27.94
CA THR A 130 6.58 9.14 26.87
C THR A 130 7.31 9.15 25.54
N LEU A 131 6.68 8.61 24.51
CA LEU A 131 7.20 8.56 23.15
C LEU A 131 6.45 9.49 22.23
N TRP A 132 7.24 10.14 21.34
CA TRP A 132 6.67 10.88 20.20
C TRP A 132 7.36 10.40 18.95
N ALA A 133 6.63 10.37 17.84
CA ALA A 133 7.15 10.08 16.50
C ALA A 133 6.87 11.26 15.57
N SER A 134 7.80 11.58 14.66
CA SER A 134 7.54 12.61 13.65
C SER A 134 6.90 11.98 12.42
N THR A 135 5.65 12.33 12.15
CA THR A 135 4.98 11.91 10.94
C THR A 135 5.38 12.71 9.70
N VAL A 136 6.05 13.85 9.89
CA VAL A 136 6.77 14.53 8.79
C VAL A 136 8.01 13.71 8.35
N ALA A 137 8.88 13.35 9.28
CA ALA A 137 10.04 12.51 8.99
C ALA A 137 9.58 11.22 8.33
N ALA A 138 8.48 10.64 8.83
CA ALA A 138 7.96 9.39 8.26
C ALA A 138 7.57 9.53 6.81
N TYR A 139 6.91 10.62 6.47
CA TYR A 139 6.54 10.89 5.10
C TYR A 139 7.81 11.07 4.24
N GLN A 140 8.76 11.84 4.74
CA GLN A 140 10.03 12.06 4.03
C GLN A 140 10.80 10.77 3.76
N GLN A 141 10.65 9.75 4.61
CA GLN A 141 11.34 8.46 4.39
C GLN A 141 10.58 7.52 3.47
N LEU A 142 9.36 7.88 3.06
CA LEU A 142 8.61 7.02 2.15
C LEU A 142 9.20 7.01 0.77
N PRO A 143 9.33 5.81 0.16
CA PRO A 143 9.79 5.73 -1.23
C PRO A 143 8.65 6.11 -2.14
N GLU A 144 8.97 6.42 -3.39
CA GLU A 144 7.96 6.99 -4.27
CA GLU A 144 7.97 6.96 -4.33
C GLU A 144 6.64 6.20 -4.35
N PRO A 145 6.69 4.85 -4.48
CA PRO A 145 5.40 4.15 -4.57
C PRO A 145 4.50 4.36 -3.36
N LEU A 146 5.08 4.41 -2.17
CA LEU A 146 4.26 4.59 -1.00
C LEU A 146 3.82 6.05 -0.85
N ARG A 147 4.56 6.99 -1.43
CA ARG A 147 4.05 8.35 -1.53
C ARG A 147 2.83 8.41 -2.40
N HIS A 148 2.88 7.77 -3.55
CA HIS A 148 1.70 7.76 -4.43
C HIS A 148 0.49 7.08 -3.77
N LEU A 149 0.72 6.04 -3.00
CA LEU A 149 -0.36 5.37 -2.28
C LEU A 149 -0.99 6.32 -1.28
N THR A 150 -0.18 6.85 -0.36
CA THR A 150 -0.70 7.58 0.79
C THR A 150 -1.24 8.93 0.44
N GLU A 151 -0.72 9.53 -0.62
CA GLU A 151 -1.23 10.85 -1.09
C GLU A 151 -2.62 10.71 -1.70
N ASN A 152 -3.05 9.47 -1.93
CA ASN A 152 -4.31 9.20 -2.58
C ASN A 152 -5.12 8.19 -1.79
N LEU A 153 -4.97 8.26 -0.47
CA LEU A 153 -5.59 7.33 0.44
C LEU A 153 -6.37 8.12 1.51
N TRP A 154 -7.50 7.54 1.93
CA TRP A 154 -8.37 8.13 2.96
C TRP A 154 -8.62 7.09 4.05
N ALA A 155 -8.50 7.51 5.30
CA ALA A 155 -8.71 6.63 6.44
C ALA A 155 -9.98 7.09 7.17
N LEU A 156 -10.78 6.11 7.60
CA LEU A 156 -11.84 6.34 8.56
C LEU A 156 -11.30 6.25 9.98
N HIS A 157 -11.36 7.36 10.70
CA HIS A 157 -11.00 7.45 12.10
C HIS A 157 -12.30 7.51 12.89
N THR A 158 -12.39 6.78 14.00
CA THR A 158 -13.57 6.77 14.87
C THR A 158 -13.15 6.69 16.33
N ASN A 159 -14.08 7.01 17.22
CA ASN A 159 -13.88 6.83 18.65
C ASN A 159 -14.43 5.49 19.15
N ARG A 160 -14.96 4.67 18.25
CA ARG A 160 -15.65 3.41 18.63
C ARG A 160 -15.05 2.24 17.87
N PRO A 183 -22.32 8.83 21.58
CA PRO A 183 -21.42 9.91 21.14
C PRO A 183 -20.50 9.41 20.02
N ASP A 184 -20.93 9.62 18.78
CA ASP A 184 -20.36 8.88 17.66
C ASP A 184 -19.59 9.76 16.68
N PHE A 185 -18.26 9.67 16.73
CA PHE A 185 -17.41 10.47 15.86
C PHE A 185 -16.83 9.56 14.79
N ARG A 186 -17.06 9.91 13.54
CA ARG A 186 -16.48 9.24 12.40
C ARG A 186 -16.06 10.27 11.37
N THR A 187 -14.79 10.25 11.00
CA THR A 187 -14.25 11.22 10.07
C THR A 187 -13.35 10.51 9.09
N GLU A 188 -13.53 10.83 7.81
CA GLU A 188 -12.61 10.41 6.74
C GLU A 188 -11.52 11.45 6.52
N HIS A 189 -10.31 11.13 6.94
CA HIS A 189 -9.18 12.00 6.83
C HIS A 189 -8.28 11.49 5.69
N PRO A 190 -7.58 12.41 5.03
CA PRO A 190 -6.56 11.96 4.13
C PRO A 190 -5.39 11.37 4.93
N VAL A 191 -4.62 10.52 4.28
CA VAL A 191 -3.47 9.90 4.95
C VAL A 191 -2.22 10.76 4.83
N VAL A 192 -2.21 11.68 3.86
CA VAL A 192 -1.23 12.77 3.85
C VAL A 192 -1.92 14.15 4.02
N ARG A 193 -1.42 14.89 5.01
CA ARG A 193 -1.90 16.21 5.37
C ARG A 193 -0.78 17.21 5.09
N VAL A 194 -1.12 18.37 4.54
CA VAL A 194 -0.16 19.46 4.32
C VAL A 194 -0.30 20.42 5.49
N HIS A 195 0.73 20.49 6.30
CA HIS A 195 0.72 21.27 7.52
C HIS A 195 0.40 22.76 7.17
N PRO A 196 -0.61 23.33 7.84
CA PRO A 196 -1.05 24.70 7.51
C PRO A 196 -0.06 25.81 7.86
N GLU A 197 0.85 25.58 8.80
CA GLU A 197 1.86 26.60 9.11
C GLU A 197 3.18 26.39 8.39
N THR A 198 3.61 25.15 8.17
CA THR A 198 4.94 24.90 7.59
C THR A 198 4.92 24.47 6.14
N GLY A 199 3.76 24.05 5.66
CA GLY A 199 3.67 23.42 4.34
C GLY A 199 4.19 21.98 4.27
N GLU A 200 4.75 21.44 5.35
CA GLU A 200 5.32 20.10 5.28
C GLU A 200 4.22 19.06 5.23
N ARG A 201 4.46 18.02 4.45
CA ARG A 201 3.56 16.87 4.39
C ARG A 201 3.84 15.92 5.53
N ALA A 202 2.78 15.41 6.15
CA ALA A 202 2.85 14.54 7.32
C ALA A 202 1.87 13.38 7.11
N LEU A 203 2.25 12.18 7.51
CA LEU A 203 1.34 11.07 7.48
C LEU A 203 0.33 11.23 8.59
N LEU A 204 -0.91 10.87 8.29
CA LEU A 204 -1.96 10.93 9.28
C LEU A 204 -2.57 9.53 9.42
N ALA A 205 -2.35 8.88 10.57
CA ALA A 205 -2.87 7.54 10.81
C ALA A 205 -3.07 7.35 12.29
N GLY A 206 -2.48 6.31 12.86
CA GLY A 206 -2.54 6.09 14.30
C GLY A 206 -3.72 5.22 14.71
N ASP A 207 -3.86 5.01 16.03
CA ASP A 207 -4.75 3.99 16.54
C ASP A 207 -6.27 4.24 16.35
N PHE A 208 -6.66 5.45 15.97
CA PHE A 208 -8.08 5.71 15.75
C PHE A 208 -8.55 5.30 14.38
N VAL A 209 -7.61 4.99 13.47
CA VAL A 209 -7.96 4.44 12.13
C VAL A 209 -8.65 3.09 12.20
N ARG A 210 -9.86 2.98 11.64
CA ARG A 210 -10.58 1.69 11.60
C ARG A 210 -10.52 1.01 10.25
N GLY A 211 -10.12 1.73 9.21
CA GLY A 211 -10.08 1.17 7.87
C GLY A 211 -9.74 2.25 6.88
N PHE A 212 -9.40 1.84 5.66
CA PHE A 212 -9.18 2.78 4.57
C PHE A 212 -10.30 2.64 3.54
N VAL A 213 -10.76 3.77 3.02
CA VAL A 213 -11.81 3.76 2.00
C VAL A 213 -11.36 2.99 0.77
N GLY A 214 -12.22 2.08 0.31
CA GLY A 214 -11.94 1.20 -0.83
C GLY A 214 -11.17 -0.07 -0.53
N LEU A 215 -10.64 -0.22 0.69
CA LEU A 215 -9.90 -1.42 1.04
C LEU A 215 -10.75 -2.30 1.97
N ASP A 216 -10.54 -3.61 1.93
CA ASP A 216 -11.29 -4.53 2.81
C ASP A 216 -10.62 -4.51 4.20
N GLY A 217 -11.19 -5.25 5.17
CA GLY A 217 -10.74 -5.18 6.57
C GLY A 217 -9.32 -5.71 6.70
N HIS A 218 -9.00 -6.79 5.99
CA HIS A 218 -7.67 -7.38 6.09
C HIS A 218 -6.61 -6.46 5.45
N GLU A 219 -6.87 -6.02 4.22
CA GLU A 219 -6.00 -5.00 3.58
C GLU A 219 -5.79 -3.81 4.46
N SER A 220 -6.85 -3.30 5.09
CA SER A 220 -6.70 -2.13 5.93
C SER A 220 -5.83 -2.45 7.14
N SER A 221 -6.00 -3.62 7.73
CA SER A 221 -5.24 -3.96 8.91
C SER A 221 -3.75 -4.05 8.56
N VAL A 222 -3.45 -4.68 7.42
CA VAL A 222 -2.07 -4.88 7.00
C VAL A 222 -1.42 -3.54 6.63
N LEU A 223 -2.13 -2.70 5.89
CA LEU A 223 -1.58 -1.40 5.45
C LEU A 223 -1.41 -0.46 6.62
N LEU A 224 -2.37 -0.42 7.52
CA LEU A 224 -2.21 0.46 8.69
C LEU A 224 -0.95 0.07 9.47
N GLU A 225 -0.75 -1.23 9.69
CA GLU A 225 0.40 -1.64 10.43
C GLU A 225 1.72 -1.36 9.67
N LEU A 226 1.69 -1.48 8.34
CA LEU A 226 2.88 -1.14 7.52
C LEU A 226 3.24 0.35 7.75
N LEU A 227 2.22 1.19 7.75
CA LEU A 227 2.41 2.62 7.96
C LEU A 227 2.85 2.91 9.38
N GLN A 228 2.25 2.25 10.37
CA GLN A 228 2.65 2.45 11.77
C GLN A 228 4.07 2.00 12.01
N ARG A 229 4.47 0.91 11.36
CA ARG A 229 5.81 0.36 11.47
C ARG A 229 6.84 1.39 10.99
N ARG A 230 6.52 2.06 9.89
CA ARG A 230 7.38 3.12 9.38
C ARG A 230 7.43 4.38 10.27
N ILE A 231 6.25 4.83 10.70
CA ILE A 231 6.12 6.05 11.49
C ILE A 231 6.89 5.96 12.82
N THR A 232 6.80 4.79 13.45
CA THR A 232 7.32 4.57 14.79
C THR A 232 8.72 3.91 14.77
N MET A 233 9.37 3.87 13.62
CA MET A 233 10.80 3.54 13.58
C MET A 233 11.51 4.45 14.56
N PRO A 234 12.38 3.90 15.43
CA PRO A 234 13.09 4.68 16.44
C PRO A 234 13.82 5.94 15.95
N GLU A 235 14.32 5.94 14.71
CA GLU A 235 14.96 7.14 14.12
C GLU A 235 14.00 8.33 14.02
N ASN A 236 12.68 8.05 13.99
CA ASN A 236 11.64 9.08 13.96
C ASN A 236 11.13 9.49 15.32
N THR A 237 11.72 8.97 16.41
CA THR A 237 11.10 9.11 17.70
C THR A 237 12.01 9.69 18.75
N VAL A 238 11.39 10.30 19.75
CA VAL A 238 12.09 10.70 20.98
C VAL A 238 11.31 10.12 22.14
N ARG A 239 12.03 9.62 23.13
CA ARG A 239 11.41 9.12 24.36
C ARG A 239 11.94 9.94 25.53
N TRP A 240 11.03 10.53 26.29
CA TRP A 240 11.38 11.45 27.35
C TRP A 240 11.16 10.81 28.71
N SER A 241 12.21 10.75 29.53
CA SER A 241 12.10 10.40 30.93
C SER A 241 11.81 11.65 31.73
N TRP A 242 10.60 11.73 32.28
CA TRP A 242 10.11 12.92 32.99
C TRP A 242 10.80 13.12 34.33
N ALA A 243 11.19 14.35 34.60
CA ALA A 243 11.62 14.74 35.94
C ALA A 243 10.69 15.84 36.40
N PRO A 244 10.58 16.04 37.72
CA PRO A 244 9.69 17.10 38.21
C PRO A 244 10.11 18.43 37.62
N GLY A 245 9.13 19.26 37.30
CA GLY A 245 9.41 20.52 36.61
C GLY A 245 9.44 20.47 35.08
N ASP A 246 9.39 19.27 34.49
CA ASP A 246 9.41 19.15 33.03
C ASP A 246 8.05 19.46 32.39
N VAL A 247 8.15 20.03 31.20
CA VAL A 247 6.99 20.37 30.39
C VAL A 247 7.34 20.02 28.94
N ALA A 248 6.43 19.32 28.29
CA ALA A 248 6.56 18.94 26.88
C ALA A 248 5.54 19.67 26.10
N MET A 249 5.89 20.10 24.90
CA MET A 249 4.88 20.61 24.00
C MET A 249 5.11 20.02 22.64
N TRP A 250 4.04 19.49 22.06
CA TRP A 250 4.16 18.84 20.77
C TRP A 250 3.17 19.36 19.72
N ASP A 251 3.60 19.24 18.46
CA ASP A 251 2.76 19.60 17.32
C ASP A 251 1.98 18.38 16.88
N ASN A 252 0.70 18.37 17.20
CA ASN A 252 -0.17 17.24 16.93
C ASN A 252 -0.49 17.10 15.44
N ARG A 253 -0.11 18.10 14.65
CA ARG A 253 -0.32 18.02 13.20
C ARG A 253 0.85 17.32 12.49
N ALA A 254 1.91 17.04 13.25
CA ALA A 254 3.17 16.54 12.72
C ALA A 254 3.71 15.35 13.53
N THR A 255 2.90 14.80 14.42
CA THR A 255 3.34 13.74 15.33
C THR A 255 2.27 12.74 15.64
N GLN A 256 2.73 11.64 16.19
CA GLN A 256 1.95 10.74 17.00
C GLN A 256 2.66 10.68 18.33
N HIS A 257 1.97 10.21 19.36
CA HIS A 257 2.60 9.93 20.64
C HIS A 257 2.01 8.69 21.30
N ARG A 258 2.66 8.28 22.37
CA ARG A 258 2.29 7.04 23.04
C ARG A 258 2.78 7.09 24.50
N ALA A 259 1.87 6.83 25.42
CA ALA A 259 2.19 6.65 26.81
C ALA A 259 2.76 5.25 26.95
N ILE A 260 3.58 5.03 27.96
CA ILE A 260 4.15 3.70 28.21
C ILE A 260 3.75 3.18 29.61
N ASP A 261 3.14 2.02 29.65
CA ASP A 261 2.69 1.42 30.91
C ASP A 261 3.77 0.56 31.55
N ASP A 262 4.81 1.20 32.06
CA ASP A 262 5.95 0.48 32.59
C ASP A 262 6.34 1.00 33.96
N TYR A 263 5.36 1.51 34.70
CA TYR A 263 5.60 2.00 36.06
C TYR A 263 4.81 1.25 37.12
N ASP A 264 4.35 0.05 36.78
CA ASP A 264 3.57 -0.82 37.67
C ASP A 264 2.42 -0.09 38.36
N ASP A 265 1.69 0.73 37.61
CA ASP A 265 0.59 1.53 38.19
C ASP A 265 0.90 2.34 39.47
N GLN A 266 2.16 2.62 39.77
CA GLN A 266 2.48 3.67 40.76
C GLN A 266 1.69 4.97 40.42
N PRO A 267 1.46 5.84 41.44
CA PRO A 267 0.78 7.10 41.11
C PRO A 267 1.54 7.97 40.10
N ARG A 268 0.80 8.52 39.15
CA ARG A 268 1.34 9.42 38.13
C ARG A 268 0.30 10.43 37.74
N LEU A 269 0.63 11.72 37.78
CA LEU A 269 -0.32 12.76 37.39
C LEU A 269 0.37 13.80 36.53
N MET A 270 -0.17 14.01 35.34
CA MET A 270 0.28 15.05 34.42
C MET A 270 -0.87 16.07 34.27
N HIS A 271 -0.57 17.32 33.90
CA HIS A 271 -1.62 18.27 33.53
C HIS A 271 -1.46 18.69 32.07
N ARG A 272 -2.50 18.42 31.27
CA ARG A 272 -2.49 18.69 29.84
C ARG A 272 -3.40 19.86 29.48
N ILE A 273 -2.89 20.77 28.65
CA ILE A 273 -3.72 21.75 27.97
C ILE A 273 -3.53 21.58 26.46
N THR A 274 -4.63 21.50 25.74
CA THR A 274 -4.63 21.18 24.36
C THR A 274 -5.14 22.40 23.55
N LEU A 275 -4.49 22.68 22.44
CA LEU A 275 -4.82 23.83 21.60
C LEU A 275 -5.58 23.43 20.36
N MET A 276 -6.61 24.22 20.06
CA MET A 276 -7.49 24.00 18.90
C MET A 276 -6.74 23.94 17.58
N GLY A 277 -7.08 22.96 16.74
CA GLY A 277 -6.53 22.85 15.41
C GLY A 277 -7.62 23.05 14.37
N ASP A 278 -7.29 22.74 13.13
CA ASP A 278 -8.13 22.98 11.98
C ASP A 278 -8.31 21.67 11.19
N VAL A 279 -9.15 21.70 10.18
CA VAL A 279 -9.45 20.52 9.36
C VAL A 279 -8.31 20.29 8.36
N PRO A 280 -7.81 19.06 8.29
CA PRO A 280 -6.76 18.76 7.36
C PRO A 280 -7.12 19.02 5.88
N VAL A 281 -6.09 19.42 5.14
CA VAL A 281 -6.07 19.51 3.70
C VAL A 281 -4.97 18.60 3.22
N ASN A 282 -5.24 17.86 2.15
CA ASN A 282 -4.27 16.90 1.56
C ASN A 282 -3.47 17.55 0.44
N VAL A 283 -2.67 16.77 -0.30
CA VAL A 283 -1.79 17.39 -1.27
C VAL A 283 -2.58 17.88 -2.52
N HIS A 284 -3.82 17.43 -2.70
CA HIS A 284 -4.66 17.86 -3.82
C HIS A 284 -5.61 18.98 -3.40
N GLY A 285 -5.47 19.51 -2.19
CA GLY A 285 -6.37 20.55 -1.68
C GLY A 285 -7.70 20.05 -1.15
N GLU A 286 -7.86 18.74 -1.00
CA GLU A 286 -9.10 18.16 -0.49
C GLU A 286 -9.09 18.10 1.05
N ARG A 287 -10.26 18.33 1.63
CA ARG A 287 -10.44 18.40 3.07
C ARG A 287 -11.07 17.15 3.64
N SER A 288 -10.82 16.89 4.93
CA SER A 288 -11.45 15.78 5.65
C SER A 288 -12.97 15.87 5.59
N ARG A 289 -13.61 14.69 5.56
CA ARG A 289 -15.09 14.58 5.49
C ARG A 289 -15.68 14.04 6.80
N VAL A 290 -16.63 14.78 7.37
CA VAL A 290 -17.34 14.37 8.57
C VAL A 290 -18.39 13.37 8.15
N ILE A 291 -18.31 12.18 8.71
CA ILE A 291 -19.31 11.17 8.46
C ILE A 291 -20.32 11.29 9.59
N SER A 292 -19.81 11.47 10.80
CA SER A 292 -20.66 11.59 11.94
C SER A 292 -19.91 12.38 13.02
N GLY A 293 -20.65 13.12 13.83
CA GLY A 293 -20.12 13.79 15.01
C GLY A 293 -19.97 15.28 14.81
N ALA A 294 -19.66 15.99 15.89
CA ALA A 294 -19.61 17.47 15.90
C ALA A 294 -18.17 17.97 15.88
N PRO A 295 -17.96 19.25 15.52
CA PRO A 295 -16.61 19.80 15.68
C PRO A 295 -16.19 19.88 17.16
N LEU A 296 -14.89 19.76 17.43
CA LEU A 296 -14.35 20.08 18.76
C LEU A 296 -14.53 21.56 19.02
N GLU A 297 -14.61 21.92 20.31
CA GLU A 297 -14.94 23.26 20.74
C GLU A 297 -13.93 23.78 21.72
N VAL A 298 -13.78 25.10 21.77
CA VAL A 298 -12.86 25.76 22.69
C VAL A 298 -13.30 25.55 24.14
N LEU A 299 -12.35 25.81 25.05
CA LEU A 299 -12.57 25.62 26.48
C LEU A 299 -13.63 26.61 26.96
N ALA A 300 -14.67 26.08 27.63
CA ALA A 300 -15.85 26.88 28.06
C ALA A 300 -15.48 27.91 29.12
N ILE B 9 -18.02 -20.57 -36.74
CA ILE B 9 -17.14 -20.46 -35.54
C ILE B 9 -17.85 -19.71 -34.43
N THR B 10 -17.99 -20.36 -33.27
CA THR B 10 -18.70 -19.77 -32.17
C THR B 10 -17.79 -19.62 -30.94
N VAL B 11 -18.00 -18.54 -30.21
CA VAL B 11 -17.25 -18.20 -29.03
C VAL B 11 -18.26 -18.05 -27.92
N THR B 12 -18.12 -18.90 -26.88
CA THR B 12 -19.07 -18.95 -25.77
C THR B 12 -18.34 -18.61 -24.46
N LYS B 13 -18.80 -17.55 -23.80
CA LYS B 13 -18.26 -17.15 -22.51
C LYS B 13 -18.42 -18.26 -21.49
N LEU B 14 -17.38 -18.49 -20.71
CA LEU B 14 -17.42 -19.38 -19.55
C LEU B 14 -17.64 -18.64 -18.22
N GLY B 15 -17.33 -17.34 -18.20
CA GLY B 15 -17.50 -16.54 -16.99
C GLY B 15 -17.47 -15.06 -17.32
N SER B 16 -17.91 -14.26 -16.36
CA SER B 16 -18.03 -12.83 -16.53
C SER B 16 -16.73 -12.15 -16.92
N ARG B 17 -15.62 -12.49 -16.26
CA ARG B 17 -14.39 -11.71 -16.45
C ARG B 17 -13.31 -12.50 -17.17
N ILE B 18 -13.55 -13.77 -17.46
CA ILE B 18 -12.53 -14.59 -18.07
C ILE B 18 -13.07 -15.90 -18.64
N GLY B 19 -12.47 -16.30 -19.74
CA GLY B 19 -12.65 -17.63 -20.29
C GLY B 19 -13.74 -17.73 -21.35
N ALA B 20 -13.44 -18.43 -22.45
CA ALA B 20 -14.43 -18.76 -23.45
C ALA B 20 -14.08 -20.05 -24.13
N ARG B 21 -15.10 -20.73 -24.63
CA ARG B 21 -14.92 -21.95 -25.40
C ARG B 21 -15.13 -21.56 -26.85
N VAL B 22 -14.22 -22.00 -27.71
CA VAL B 22 -14.33 -21.74 -29.14
C VAL B 22 -14.69 -23.09 -29.76
N ASP B 23 -15.86 -23.13 -30.41
CA ASP B 23 -16.31 -24.32 -31.17
C ASP B 23 -16.38 -24.04 -32.66
N GLY B 24 -16.44 -25.12 -33.44
CA GLY B 24 -16.54 -25.05 -34.90
C GLY B 24 -15.19 -24.85 -35.57
N VAL B 25 -14.09 -25.16 -34.86
CA VAL B 25 -12.73 -24.96 -35.39
C VAL B 25 -11.92 -26.23 -35.28
N ARG B 26 -11.30 -26.63 -36.38
CA ARG B 26 -10.34 -27.72 -36.37
C ARG B 26 -8.96 -27.08 -36.37
N LEU B 27 -8.30 -27.06 -35.22
CA LEU B 27 -6.98 -26.44 -35.15
C LEU B 27 -5.96 -27.05 -36.14
N GLY B 28 -5.17 -26.19 -36.78
CA GLY B 28 -4.08 -26.59 -37.68
C GLY B 28 -3.52 -25.40 -38.44
N GLY B 29 -2.53 -25.64 -39.31
CA GLY B 29 -1.88 -24.56 -40.08
C GLY B 29 -2.57 -24.13 -41.37
N ASP B 30 -3.73 -24.73 -41.64
CA ASP B 30 -4.47 -24.47 -42.89
C ASP B 30 -5.68 -23.57 -42.64
N LEU B 31 -5.77 -22.92 -41.47
CA LEU B 31 -6.88 -22.03 -41.19
C LEU B 31 -6.74 -20.75 -41.98
N ASP B 32 -7.86 -20.20 -42.43
CA ASP B 32 -7.82 -18.98 -43.24
C ASP B 32 -7.64 -17.74 -42.35
N ASP B 33 -7.34 -16.62 -42.99
CA ASP B 33 -7.10 -15.36 -42.29
C ASP B 33 -8.27 -14.98 -41.39
N ALA B 34 -9.49 -15.03 -41.92
CA ALA B 34 -10.70 -14.69 -41.16
C ALA B 34 -10.82 -15.47 -39.85
N THR B 35 -10.55 -16.76 -39.91
CA THR B 35 -10.65 -17.64 -38.75
C THR B 35 -9.51 -17.38 -37.79
N VAL B 36 -8.28 -17.21 -38.30
CA VAL B 36 -7.12 -16.90 -37.44
C VAL B 36 -7.38 -15.59 -36.68
N GLU B 37 -7.94 -14.60 -37.38
CA GLU B 37 -8.31 -13.33 -36.78
C GLU B 37 -9.42 -13.46 -35.71
N GLN B 38 -10.48 -14.21 -35.98
CA GLN B 38 -11.54 -14.39 -34.97
C GLN B 38 -10.98 -15.04 -33.72
N ILE B 39 -10.09 -16.01 -33.91
CA ILE B 39 -9.40 -16.65 -32.80
C ILE B 39 -8.55 -15.64 -32.03
N ARG B 40 -7.75 -14.81 -32.73
CA ARG B 40 -6.95 -13.77 -32.06
CA ARG B 40 -6.96 -13.77 -32.07
C ARG B 40 -7.84 -12.87 -31.19
N ARG B 41 -8.96 -12.40 -31.75
CA ARG B 41 -9.86 -11.52 -30.99
C ARG B 41 -10.48 -12.18 -29.76
N ALA B 42 -10.86 -13.45 -29.91
CA ALA B 42 -11.45 -14.22 -28.80
C ALA B 42 -10.45 -14.32 -27.68
N LEU B 43 -9.20 -14.61 -28.06
CA LEU B 43 -8.10 -14.68 -27.10
C LEU B 43 -7.86 -13.35 -26.39
N LEU B 44 -7.81 -12.25 -27.12
CA LEU B 44 -7.58 -10.97 -26.50
C LEU B 44 -8.73 -10.55 -25.58
N THR B 45 -9.96 -10.87 -25.98
CA THR B 45 -11.15 -10.51 -25.23
C THR B 45 -11.31 -11.37 -23.97
N HIS B 46 -11.10 -12.67 -24.12
CA HIS B 46 -11.45 -13.64 -23.06
C HIS B 46 -10.27 -14.13 -22.25
N LYS B 47 -9.06 -13.80 -22.69
CA LYS B 47 -7.82 -14.01 -21.94
C LYS B 47 -7.30 -15.46 -21.96
N VAL B 48 -8.20 -16.42 -21.84
CA VAL B 48 -7.88 -17.82 -22.10
C VAL B 48 -9.07 -18.42 -22.86
N ILE B 49 -8.77 -19.13 -23.93
CA ILE B 49 -9.82 -19.80 -24.68
C ILE B 49 -9.53 -21.28 -24.78
N PHE B 50 -10.59 -22.08 -24.87
CA PHE B 50 -10.49 -23.53 -24.91
C PHE B 50 -11.13 -24.09 -26.18
N PHE B 51 -10.46 -25.05 -26.79
CA PHE B 51 -10.96 -25.79 -27.94
C PHE B 51 -11.11 -27.22 -27.49
N ARG B 52 -12.28 -27.80 -27.71
CA ARG B 52 -12.52 -29.21 -27.38
C ARG B 52 -12.54 -30.07 -28.63
N HIS B 53 -12.42 -31.38 -28.43
CA HIS B 53 -12.60 -32.37 -29.54
C HIS B 53 -11.50 -32.26 -30.59
N GLN B 54 -10.30 -31.81 -30.19
CA GLN B 54 -9.19 -31.66 -31.13
C GLN B 54 -8.33 -32.94 -31.16
N HIS B 55 -8.96 -34.08 -31.47
CA HIS B 55 -8.27 -35.38 -31.37
C HIS B 55 -7.28 -35.63 -32.48
N HIS B 56 -7.48 -34.95 -33.61
CA HIS B 56 -6.57 -35.00 -34.74
C HIS B 56 -5.20 -34.37 -34.49
N LEU B 57 -5.06 -33.56 -33.43
CA LEU B 57 -3.81 -32.85 -33.16
C LEU B 57 -2.65 -33.75 -32.76
N ASP B 58 -1.46 -33.42 -33.25
CA ASP B 58 -0.19 -33.94 -32.77
C ASP B 58 0.77 -32.76 -32.62
N ASP B 59 1.99 -33.03 -32.18
CA ASP B 59 2.96 -31.96 -31.93
C ASP B 59 3.19 -31.09 -33.15
N SER B 60 3.33 -31.74 -34.31
CA SER B 60 3.54 -31.04 -35.56
C SER B 60 2.35 -30.13 -35.92
N ARG B 61 1.13 -30.67 -35.86
CA ARG B 61 -0.05 -29.88 -36.23
C ARG B 61 -0.31 -28.74 -35.22
N GLN B 62 0.03 -28.96 -33.96
CA GLN B 62 -0.11 -27.92 -32.92
C GLN B 62 0.84 -26.76 -33.26
N LEU B 63 2.06 -27.10 -33.69
CA LEU B 63 3.07 -26.11 -34.04
C LEU B 63 2.65 -25.32 -35.29
N GLU B 64 2.08 -26.01 -36.27
CA GLU B 64 1.59 -25.36 -37.49
C GLU B 64 0.48 -24.36 -37.16
N PHE B 65 -0.41 -24.73 -36.25
CA PHE B 65 -1.42 -23.79 -35.77
C PHE B 65 -0.76 -22.61 -35.05
N ALA B 66 0.17 -22.91 -34.14
CA ALA B 66 0.82 -21.89 -33.32
C ALA B 66 1.47 -20.79 -34.17
N ARG B 67 2.09 -21.22 -35.28
CA ARG B 67 2.75 -20.30 -36.20
C ARG B 67 1.82 -19.28 -36.86
N LEU B 68 0.52 -19.58 -36.96
CA LEU B 68 -0.43 -18.60 -37.47
C LEU B 68 -0.66 -17.45 -36.49
N LEU B 69 -0.47 -17.70 -35.19
CA LEU B 69 -0.77 -16.68 -34.19
C LEU B 69 0.45 -15.92 -33.67
N GLY B 70 1.66 -16.44 -33.88
CA GLY B 70 2.89 -15.75 -33.45
C GLY B 70 4.16 -16.51 -33.80
N THR B 71 5.26 -16.16 -33.14
CA THR B 71 6.58 -16.78 -33.35
C THR B 71 6.87 -17.70 -32.18
N PRO B 72 6.86 -19.05 -32.41
CA PRO B 72 7.16 -19.99 -31.32
C PRO B 72 8.59 -19.80 -30.80
N ILE B 73 8.78 -19.87 -29.48
CA ILE B 73 10.06 -19.52 -28.84
C ILE B 73 10.97 -20.71 -28.60
N ALA B 99 5.29 -25.01 -11.16
CA ALA B 99 4.02 -25.24 -11.85
C ALA B 99 2.88 -24.86 -10.91
N THR B 100 3.00 -25.27 -9.65
CA THR B 100 1.91 -25.14 -8.69
C THR B 100 1.90 -23.86 -7.87
N ARG B 101 2.64 -22.84 -8.30
CA ARG B 101 2.48 -21.49 -7.75
C ARG B 101 1.87 -20.59 -8.83
N TRP B 102 1.04 -19.65 -8.42
CA TRP B 102 0.51 -18.69 -9.37
C TRP B 102 1.65 -17.86 -10.00
N HIS B 103 1.70 -17.84 -11.32
CA HIS B 103 2.72 -17.04 -12.04
C HIS B 103 2.26 -16.63 -13.42
N THR B 104 2.97 -15.63 -13.96
CA THR B 104 2.95 -15.28 -15.38
C THR B 104 4.23 -15.90 -15.98
N ASP B 105 4.15 -16.51 -17.15
CA ASP B 105 5.31 -17.25 -17.67
C ASP B 105 6.54 -16.41 -17.87
N VAL B 106 7.65 -16.93 -17.32
CA VAL B 106 9.01 -16.45 -17.60
C VAL B 106 9.20 -14.94 -17.34
N THR B 107 8.48 -14.40 -16.37
CA THR B 107 8.54 -12.95 -16.13
C THR B 107 9.90 -12.53 -15.52
N PHE B 108 10.78 -13.47 -15.16
CA PHE B 108 12.17 -13.10 -14.82
C PHE B 108 12.97 -12.57 -16.04
N ALA B 109 12.43 -12.79 -17.23
CA ALA B 109 12.97 -12.23 -18.48
C ALA B 109 12.21 -10.95 -18.88
N ALA B 110 12.85 -10.08 -19.66
CA ALA B 110 12.29 -8.79 -19.97
C ALA B 110 11.24 -8.89 -21.07
N ASN B 111 11.53 -9.64 -22.12
CA ASN B 111 10.61 -9.86 -23.24
C ASN B 111 9.98 -11.25 -23.09
N TYR B 112 9.21 -11.41 -22.02
CA TYR B 112 8.65 -12.72 -21.69
C TYR B 112 7.48 -13.05 -22.65
N PRO B 113 7.01 -14.30 -22.66
CA PRO B 113 6.10 -14.71 -23.75
C PRO B 113 4.76 -13.95 -23.84
N ALA B 114 4.22 -13.86 -25.05
CA ALA B 114 2.91 -13.25 -25.30
C ALA B 114 1.78 -14.21 -24.97
N ALA B 115 2.00 -15.50 -25.23
CA ALA B 115 0.92 -16.47 -25.13
C ALA B 115 1.46 -17.89 -25.17
N SER B 116 0.63 -18.85 -24.73
CA SER B 116 0.94 -20.27 -24.88
C SER B 116 -0.27 -21.05 -25.35
N ILE B 117 0.02 -22.18 -26.00
CA ILE B 117 -0.98 -23.11 -26.53
C ILE B 117 -0.66 -24.48 -25.96
N LEU B 118 -1.61 -25.06 -25.22
CA LEU B 118 -1.35 -26.21 -24.39
C LEU B 118 -2.37 -27.29 -24.69
N ARG B 119 -1.87 -28.47 -25.08
CA ARG B 119 -2.69 -29.65 -25.45
C ARG B 119 -2.56 -30.76 -24.42
N ALA B 120 -3.69 -31.38 -24.02
CA ALA B 120 -3.64 -32.58 -23.18
C ALA B 120 -3.14 -33.72 -24.04
N VAL B 121 -2.18 -34.49 -23.52
CA VAL B 121 -1.71 -35.74 -24.17
C VAL B 121 -2.12 -36.94 -23.31
N THR B 122 -1.65 -36.98 -22.06
CA THR B 122 -2.05 -38.04 -21.12
C THR B 122 -2.58 -37.41 -19.83
N LEU B 123 -3.79 -37.80 -19.43
CA LEU B 123 -4.52 -37.17 -18.34
C LEU B 123 -4.71 -38.18 -17.20
N PRO B 124 -4.60 -37.72 -15.94
CA PRO B 124 -4.90 -38.60 -14.81
C PRO B 124 -6.38 -38.91 -14.72
N SER B 125 -6.72 -39.96 -13.96
CA SER B 125 -8.10 -40.45 -13.84
C SER B 125 -8.93 -39.51 -12.97
N TYR B 126 -8.26 -38.70 -12.18
CA TYR B 126 -8.92 -37.63 -11.46
C TYR B 126 -7.95 -36.49 -11.20
N GLY B 127 -8.52 -35.34 -10.83
CA GLY B 127 -7.75 -34.15 -10.58
C GLY B 127 -7.08 -33.68 -11.84
N GLY B 128 -6.05 -32.84 -11.66
CA GLY B 128 -5.31 -32.33 -12.80
C GLY B 128 -5.91 -31.12 -13.50
N SER B 129 -6.83 -30.40 -12.84
CA SER B 129 -7.35 -29.18 -13.45
C SER B 129 -6.31 -28.02 -13.44
N THR B 130 -6.53 -27.01 -14.25
CA THR B 130 -5.63 -25.84 -14.34
C THR B 130 -6.45 -24.57 -14.13
N LEU B 131 -5.82 -23.58 -13.51
CA LEU B 131 -6.41 -22.30 -13.17
C LEU B 131 -5.73 -21.18 -13.92
N TRP B 132 -6.52 -20.19 -14.34
CA TRP B 132 -6.06 -18.96 -14.95
C TRP B 132 -6.78 -17.82 -14.24
N ALA B 133 -6.11 -16.70 -14.08
CA ALA B 133 -6.66 -15.49 -13.52
C ALA B 133 -6.44 -14.38 -14.50
N SER B 134 -7.43 -13.50 -14.64
CA SER B 134 -7.28 -12.31 -15.47
C SER B 134 -6.67 -11.16 -14.68
N THR B 135 -5.48 -10.73 -15.07
CA THR B 135 -4.82 -9.64 -14.40
C THR B 135 -5.34 -8.29 -14.91
N VAL B 136 -6.02 -8.29 -16.06
CA VAL B 136 -6.83 -7.14 -16.46
C VAL B 136 -8.00 -6.94 -15.50
N ALA B 137 -8.78 -7.99 -15.27
CA ALA B 137 -9.92 -7.94 -14.33
C ALA B 137 -9.44 -7.46 -12.95
N ALA B 138 -8.29 -7.97 -12.53
CA ALA B 138 -7.77 -7.66 -11.17
C ALA B 138 -7.41 -6.17 -11.09
N TYR B 139 -6.82 -5.64 -12.16
CA TYR B 139 -6.49 -4.22 -12.23
C TYR B 139 -7.77 -3.39 -12.19
N GLN B 140 -8.77 -3.76 -12.99
CA GLN B 140 -10.05 -3.05 -13.01
C GLN B 140 -10.77 -3.03 -11.66
N GLN B 141 -10.55 -4.05 -10.82
CA GLN B 141 -11.18 -4.07 -9.50
C GLN B 141 -10.42 -3.25 -8.44
N LEU B 142 -9.23 -2.77 -8.75
CA LEU B 142 -8.45 -1.97 -7.81
C LEU B 142 -9.13 -0.64 -7.53
N PRO B 143 -9.24 -0.25 -6.25
CA PRO B 143 -9.74 1.07 -5.96
C PRO B 143 -8.63 2.08 -6.22
N GLU B 144 -9.02 3.35 -6.27
CA GLU B 144 -8.12 4.45 -6.66
CA GLU B 144 -8.13 4.43 -6.69
C GLU B 144 -6.77 4.44 -5.91
N PRO B 145 -6.80 4.30 -4.57
CA PRO B 145 -5.48 4.29 -3.89
C PRO B 145 -4.50 3.22 -4.40
N LEU B 146 -5.00 2.02 -4.66
CA LEU B 146 -4.15 0.91 -5.13
C LEU B 146 -3.76 1.01 -6.60
N ARG B 147 -4.55 1.73 -7.38
CA ARG B 147 -4.13 2.12 -8.73
C ARG B 147 -2.94 3.08 -8.65
N HIS B 148 -3.05 4.11 -7.82
CA HIS B 148 -1.93 5.04 -7.65
C HIS B 148 -0.65 4.31 -7.17
N LEU B 149 -0.81 3.34 -6.24
CA LEU B 149 0.31 2.51 -5.81
C LEU B 149 0.92 1.73 -6.96
N THR B 150 0.10 0.90 -7.61
CA THR B 150 0.62 -0.09 -8.54
C THR B 150 1.16 0.54 -9.82
N GLU B 151 0.57 1.66 -10.22
CA GLU B 151 1.00 2.41 -11.39
C GLU B 151 2.36 3.08 -11.20
N ASN B 152 2.83 3.11 -9.95
CA ASN B 152 4.11 3.69 -9.58
C ASN B 152 5.01 2.70 -8.85
N LEU B 153 4.86 1.43 -9.17
CA LEU B 153 5.53 0.36 -8.44
C LEU B 153 6.32 -0.52 -9.42
N TRP B 154 7.52 -0.92 -9.00
CA TRP B 154 8.39 -1.79 -9.75
C TRP B 154 8.69 -3.03 -8.91
N ALA B 155 8.62 -4.20 -9.55
CA ALA B 155 8.94 -5.51 -8.93
C ALA B 155 10.17 -6.10 -9.56
N LEU B 156 11.02 -6.68 -8.73
CA LEU B 156 12.15 -7.47 -9.23
C LEU B 156 11.68 -8.88 -9.43
N HIS B 157 11.79 -9.40 -10.66
CA HIS B 157 11.46 -10.79 -10.99
C HIS B 157 12.80 -11.50 -11.22
N THR B 158 12.96 -12.71 -10.66
CA THR B 158 14.17 -13.51 -10.86
C THR B 158 13.84 -15.00 -11.04
N ASN B 159 14.76 -15.74 -11.66
CA ASN B 159 14.63 -17.21 -11.72
C ASN B 159 15.25 -17.93 -10.53
N ARG B 160 15.84 -17.20 -9.57
CA ARG B 160 16.48 -17.82 -8.37
C ARG B 160 15.99 -17.14 -7.08
N PRO B 183 22.52 -19.58 -15.17
CA PRO B 183 21.72 -18.55 -15.82
C PRO B 183 21.04 -17.69 -14.76
N ASP B 184 21.43 -16.42 -14.69
CA ASP B 184 20.92 -15.50 -13.68
C ASP B 184 20.04 -14.47 -14.38
N PHE B 185 18.73 -14.59 -14.19
CA PHE B 185 17.80 -13.65 -14.79
C PHE B 185 17.21 -12.80 -13.68
N ARG B 186 17.35 -11.49 -13.85
CA ARG B 186 16.79 -10.52 -12.95
C ARG B 186 16.30 -9.36 -13.79
N THR B 187 15.02 -9.04 -13.64
CA THR B 187 14.37 -7.97 -14.38
C THR B 187 13.49 -7.17 -13.43
N GLU B 188 13.59 -5.85 -13.52
CA GLU B 188 12.65 -4.97 -12.86
C GLU B 188 11.53 -4.65 -13.82
N HIS B 189 10.35 -5.20 -13.54
CA HIS B 189 9.17 -4.97 -14.35
C HIS B 189 8.26 -3.98 -13.64
N PRO B 190 7.46 -3.21 -14.40
CA PRO B 190 6.39 -2.41 -13.77
C PRO B 190 5.30 -3.35 -13.25
N VAL B 191 4.54 -2.92 -12.26
CA VAL B 191 3.45 -3.74 -11.69
C VAL B 191 2.15 -3.54 -12.47
N VAL B 192 2.06 -2.46 -13.26
CA VAL B 192 0.99 -2.35 -14.24
C VAL B 192 1.59 -2.28 -15.64
N ARG B 193 1.13 -3.17 -16.52
CA ARG B 193 1.59 -3.21 -17.90
C ARG B 193 0.42 -2.86 -18.83
N VAL B 194 0.70 -2.09 -19.88
CA VAL B 194 -0.34 -1.69 -20.81
C VAL B 194 -0.28 -2.61 -22.04
N HIS B 195 -1.33 -3.39 -22.24
CA HIS B 195 -1.32 -4.39 -23.30
C HIS B 195 -1.10 -3.71 -24.66
N PRO B 196 -0.11 -4.18 -25.44
CA PRO B 196 0.23 -3.54 -26.72
C PRO B 196 -0.83 -3.65 -27.82
N GLU B 197 -1.72 -4.64 -27.73
CA GLU B 197 -2.78 -4.82 -28.72
C GLU B 197 -4.12 -4.28 -28.28
N THR B 198 -4.44 -4.38 -26.99
CA THR B 198 -5.75 -3.94 -26.54
C THR B 198 -5.73 -2.60 -25.81
N GLY B 199 -4.56 -2.16 -25.36
CA GLY B 199 -4.50 -0.98 -24.47
C GLY B 199 -4.97 -1.20 -23.04
N GLU B 200 -5.40 -2.42 -22.72
CA GLU B 200 -5.88 -2.68 -21.36
C GLU B 200 -4.72 -2.74 -20.39
N ARG B 201 -4.93 -2.20 -19.20
CA ARG B 201 -3.96 -2.27 -18.12
C ARG B 201 -4.09 -3.61 -17.37
N ALA B 202 -2.96 -4.24 -17.07
CA ALA B 202 -2.94 -5.54 -16.39
C ALA B 202 -1.91 -5.52 -15.29
N LEU B 203 -2.26 -6.14 -14.15
CA LEU B 203 -1.30 -6.34 -13.07
C LEU B 203 -0.23 -7.37 -13.48
N LEU B 204 1.02 -7.05 -13.18
CA LEU B 204 2.15 -7.93 -13.45
C LEU B 204 2.82 -8.24 -12.13
N ALA B 205 2.71 -9.48 -11.70
CA ALA B 205 3.22 -9.90 -10.40
C ALA B 205 3.51 -11.39 -10.48
N GLY B 206 3.00 -12.17 -9.54
CA GLY B 206 3.20 -13.61 -9.54
C GLY B 206 4.43 -14.09 -8.79
N ASP B 207 4.62 -15.39 -8.83
CA ASP B 207 5.58 -16.07 -8.00
C ASP B 207 7.03 -15.75 -8.31
N PHE B 208 7.34 -15.23 -9.49
CA PHE B 208 8.73 -14.86 -9.76
C PHE B 208 9.12 -13.55 -9.08
N VAL B 209 8.16 -12.81 -8.53
CA VAL B 209 8.48 -11.55 -7.83
C VAL B 209 9.28 -11.82 -6.56
N ARG B 210 10.42 -11.15 -6.41
CA ARG B 210 11.23 -11.32 -5.22
C ARG B 210 11.11 -10.16 -4.26
N GLY B 211 10.67 -9.01 -4.73
CA GLY B 211 10.54 -7.80 -3.92
C GLY B 211 10.18 -6.60 -4.80
N PHE B 212 9.78 -5.50 -4.19
CA PHE B 212 9.46 -4.27 -4.93
C PHE B 212 10.56 -3.26 -4.66
N VAL B 213 10.93 -2.50 -5.68
CA VAL B 213 11.96 -1.48 -5.57
C VAL B 213 11.54 -0.44 -4.52
N GLY B 214 12.44 -0.15 -3.58
CA GLY B 214 12.20 0.82 -2.51
C GLY B 214 11.48 0.26 -1.27
N LEU B 215 11.01 -0.98 -1.31
CA LEU B 215 10.34 -1.57 -0.14
C LEU B 215 11.25 -2.60 0.53
N ASP B 216 11.14 -2.78 1.86
CA ASP B 216 11.91 -3.80 2.53
C ASP B 216 11.28 -5.17 2.31
N GLY B 217 11.94 -6.22 2.82
CA GLY B 217 11.48 -7.61 2.54
C GLY B 217 10.09 -7.91 3.10
N HIS B 218 9.80 -7.44 4.30
CA HIS B 218 8.49 -7.68 4.90
C HIS B 218 7.36 -6.92 4.17
N GLU B 219 7.61 -5.64 3.84
CA GLU B 219 6.67 -4.84 3.02
C GLU B 219 6.39 -5.52 1.68
N SER B 220 7.46 -6.00 1.03
CA SER B 220 7.30 -6.67 -0.24
C SER B 220 6.46 -7.97 -0.10
N SER B 221 6.75 -8.76 0.94
CA SER B 221 6.02 -10.01 1.16
C SER B 221 4.54 -9.71 1.35
N VAL B 222 4.23 -8.75 2.20
CA VAL B 222 2.84 -8.39 2.53
C VAL B 222 2.13 -7.81 1.31
N LEU B 223 2.76 -6.89 0.61
CA LEU B 223 2.15 -6.30 -0.61
C LEU B 223 1.95 -7.29 -1.75
N LEU B 224 2.96 -8.11 -2.02
CA LEU B 224 2.81 -9.11 -3.05
C LEU B 224 1.62 -10.00 -2.75
N GLU B 225 1.50 -10.47 -1.50
CA GLU B 225 0.38 -11.33 -1.15
C GLU B 225 -0.93 -10.59 -1.29
N LEU B 226 -0.97 -9.29 -0.92
CA LEU B 226 -2.20 -8.51 -1.06
CA LEU B 226 -2.22 -8.54 -1.07
C LEU B 226 -2.61 -8.46 -2.55
N LEU B 227 -1.63 -8.26 -3.42
CA LEU B 227 -1.91 -8.18 -4.84
C LEU B 227 -2.33 -9.56 -5.37
N GLN B 228 -1.63 -10.60 -4.95
CA GLN B 228 -2.00 -11.98 -5.35
C GLN B 228 -3.39 -12.42 -4.86
N ARG B 229 -3.75 -12.08 -3.64
CA ARG B 229 -5.09 -12.32 -3.10
C ARG B 229 -6.16 -11.66 -4.01
N ARG B 230 -5.89 -10.43 -4.46
CA ARG B 230 -6.81 -9.76 -5.38
C ARG B 230 -6.86 -10.42 -6.74
N ILE B 231 -5.70 -10.75 -7.28
CA ILE B 231 -5.61 -11.29 -8.61
C ILE B 231 -6.33 -12.64 -8.68
N THR B 232 -6.15 -13.47 -7.67
CA THR B 232 -6.68 -14.85 -7.70
C THR B 232 -8.04 -15.03 -7.04
N MET B 233 -8.74 -13.93 -6.78
CA MET B 233 -10.14 -14.00 -6.37
C MET B 233 -10.88 -14.82 -7.41
N PRO B 234 -11.72 -15.77 -6.98
CA PRO B 234 -12.37 -16.68 -7.91
C PRO B 234 -13.16 -15.99 -9.01
N GLU B 235 -13.67 -14.77 -8.76
CA GLU B 235 -14.39 -14.02 -9.81
C GLU B 235 -13.47 -13.69 -11.00
N ASN B 236 -12.16 -13.70 -10.76
CA ASN B 236 -11.19 -13.43 -11.81
C ASN B 236 -10.59 -14.66 -12.48
N THR B 237 -11.12 -15.84 -12.14
CA THR B 237 -10.48 -17.06 -12.55
C THR B 237 -11.39 -18.03 -13.26
N VAL B 238 -10.76 -18.88 -14.05
CA VAL B 238 -11.46 -20.02 -14.64
C VAL B 238 -10.62 -21.22 -14.33
N ARG B 239 -11.29 -22.32 -14.01
CA ARG B 239 -10.61 -23.57 -13.70
C ARG B 239 -11.10 -24.61 -14.69
N TRP B 240 -10.18 -25.19 -15.46
CA TRP B 240 -10.56 -26.12 -16.51
C TRP B 240 -10.21 -27.55 -16.14
N SER B 241 -11.22 -28.42 -16.17
CA SER B 241 -11.00 -29.86 -16.04
C SER B 241 -10.76 -30.44 -17.41
N TRP B 242 -9.58 -30.98 -17.62
CA TRP B 242 -9.17 -31.37 -18.95
C TRP B 242 -9.84 -32.70 -19.36
N ALA B 243 -10.31 -32.75 -20.59
CA ALA B 243 -10.76 -33.99 -21.21
C ALA B 243 -9.87 -34.25 -22.43
N PRO B 244 -9.79 -35.51 -22.88
CA PRO B 244 -8.98 -35.81 -24.06
C PRO B 244 -9.39 -34.95 -25.24
N GLY B 245 -8.41 -34.42 -25.97
CA GLY B 245 -8.68 -33.56 -27.13
C GLY B 245 -8.76 -32.07 -26.84
N ASP B 246 -8.62 -31.70 -25.57
CA ASP B 246 -8.70 -30.30 -25.16
C ASP B 246 -7.41 -29.56 -25.43
N VAL B 247 -7.56 -28.31 -25.84
CA VAL B 247 -6.46 -27.38 -26.04
C VAL B 247 -6.86 -26.05 -25.39
N ALA B 248 -5.96 -25.47 -24.60
CA ALA B 248 -6.16 -24.11 -24.09
C ALA B 248 -5.13 -23.19 -24.69
N MET B 249 -5.52 -21.93 -24.93
CA MET B 249 -4.56 -20.90 -25.32
C MET B 249 -4.81 -19.70 -24.45
N TRP B 250 -3.75 -19.14 -23.85
CA TRP B 250 -3.92 -17.97 -22.97
C TRP B 250 -3.02 -16.82 -23.39
N ASP B 251 -3.47 -15.62 -23.05
CA ASP B 251 -2.70 -14.41 -23.26
C ASP B 251 -1.88 -14.15 -22.01
N ASN B 252 -0.57 -14.44 -22.09
CA ASN B 252 0.36 -14.27 -20.95
C ASN B 252 0.56 -12.80 -20.57
N ARG B 253 0.10 -11.88 -21.42
CA ARG B 253 0.20 -10.45 -21.09
C ARG B 253 -0.96 -9.97 -20.21
N ALA B 254 -1.97 -10.82 -20.03
CA ALA B 254 -3.19 -10.45 -19.33
C ALA B 254 -3.63 -11.53 -18.31
N THR B 255 -2.75 -12.45 -17.98
CA THR B 255 -3.12 -13.53 -17.06
C THR B 255 -1.99 -13.99 -16.15
N GLN B 256 -2.37 -14.77 -15.14
CA GLN B 256 -1.51 -15.70 -14.47
C GLN B 256 -2.19 -17.06 -14.57
N HIS B 257 -1.40 -18.12 -14.38
CA HIS B 257 -1.96 -19.47 -14.27
C HIS B 257 -1.26 -20.28 -13.20
N ARG B 258 -1.80 -21.47 -12.93
CA ARG B 258 -1.33 -22.29 -11.82
C ARG B 258 -1.77 -23.73 -12.06
N ALA B 259 -0.81 -24.66 -12.02
CA ALA B 259 -1.08 -26.07 -12.04
C ALA B 259 -1.60 -26.50 -10.65
N ILE B 260 -2.40 -27.55 -10.58
CA ILE B 260 -2.92 -28.01 -9.32
C ILE B 260 -2.48 -29.44 -9.03
N ASP B 261 -1.90 -29.66 -7.85
CA ASP B 261 -1.26 -30.96 -7.54
C ASP B 261 -2.26 -31.83 -6.80
N ASP B 262 -3.34 -32.19 -7.49
CA ASP B 262 -4.44 -32.95 -6.87
C ASP B 262 -4.79 -34.21 -7.61
N TYR B 263 -3.80 -34.83 -8.26
CA TYR B 263 -4.01 -36.07 -8.99
C TYR B 263 -3.11 -37.23 -8.50
N ASP B 264 -2.60 -37.12 -7.26
CA ASP B 264 -1.72 -38.12 -6.64
C ASP B 264 -0.58 -38.62 -7.53
N ASP B 265 0.09 -37.69 -8.21
CA ASP B 265 1.20 -38.01 -9.12
C ASP B 265 0.95 -39.17 -10.09
N GLN B 266 -0.32 -39.46 -10.41
CA GLN B 266 -0.60 -40.27 -11.58
C GLN B 266 0.06 -39.62 -12.80
N PRO B 267 0.36 -40.41 -13.84
CA PRO B 267 0.99 -39.84 -15.05
C PRO B 267 0.18 -38.72 -15.69
N ARG B 268 0.85 -37.63 -16.04
CA ARG B 268 0.16 -36.52 -16.70
C ARG B 268 1.10 -35.83 -17.66
N LEU B 269 0.70 -35.79 -18.93
CA LEU B 269 1.53 -35.23 -19.99
C LEU B 269 0.73 -34.26 -20.83
N MET B 270 1.27 -33.04 -20.96
CA MET B 270 0.67 -31.96 -21.73
C MET B 270 1.73 -31.50 -22.73
N HIS B 271 1.34 -30.92 -23.87
CA HIS B 271 2.33 -30.34 -24.78
C HIS B 271 2.10 -28.85 -24.97
N ARG B 272 3.11 -28.05 -24.63
CA ARG B 272 2.98 -26.60 -24.65
C ARG B 272 3.83 -25.98 -25.75
N ILE B 273 3.25 -25.03 -26.48
CA ILE B 273 4.01 -24.18 -27.38
C ILE B 273 3.80 -22.72 -26.99
N THR B 274 4.91 -22.00 -26.90
CA THR B 274 4.95 -20.69 -26.33
C THR B 274 5.38 -19.72 -27.40
N LEU B 275 4.69 -18.58 -27.42
CA LEU B 275 4.85 -17.58 -28.46
C LEU B 275 5.57 -16.34 -27.92
N MET B 276 6.48 -15.80 -28.72
CA MET B 276 7.31 -14.66 -28.31
C MET B 276 6.51 -13.42 -27.98
N GLY B 277 6.91 -12.76 -26.90
CA GLY B 277 6.32 -11.49 -26.53
C GLY B 277 7.35 -10.39 -26.52
N ASP B 278 6.90 -9.20 -26.12
CA ASP B 278 7.73 -8.02 -26.11
C ASP B 278 7.93 -7.50 -24.68
N VAL B 279 8.71 -6.44 -24.53
CA VAL B 279 9.04 -5.86 -23.24
C VAL B 279 7.85 -5.00 -22.79
N PRO B 280 7.39 -5.20 -21.55
CA PRO B 280 6.31 -4.35 -21.00
C PRO B 280 6.55 -2.84 -21.09
N VAL B 281 5.45 -2.12 -21.26
CA VAL B 281 5.36 -0.68 -21.19
C VAL B 281 4.40 -0.40 -20.05
N ASN B 282 4.73 0.56 -19.17
CA ASN B 282 3.81 0.88 -18.06
C ASN B 282 2.93 2.06 -18.42
N VAL B 283 2.14 2.52 -17.46
CA VAL B 283 1.16 3.57 -17.70
C VAL B 283 1.82 4.92 -18.06
N HIS B 284 3.09 5.09 -17.67
CA HIS B 284 3.86 6.28 -17.95
C HIS B 284 4.82 6.09 -19.11
N GLY B 285 4.65 5.02 -19.88
CA GLY B 285 5.53 4.78 -21.03
C GLY B 285 6.89 4.15 -20.74
N GLU B 286 7.16 3.82 -19.47
CA GLU B 286 8.47 3.28 -19.05
C GLU B 286 8.54 1.76 -19.33
N ARG B 287 9.74 1.28 -19.65
CA ARG B 287 9.95 -0.11 -20.03
C ARG B 287 10.64 -0.85 -18.90
N SER B 288 10.44 -2.17 -18.84
CA SER B 288 11.18 -3.03 -17.90
C SER B 288 12.69 -2.84 -18.03
N ARG B 289 13.41 -3.06 -16.94
CA ARG B 289 14.87 -2.89 -16.90
C ARG B 289 15.54 -4.23 -16.62
N VAL B 290 16.43 -4.61 -17.52
CA VAL B 290 17.17 -5.84 -17.39
C VAL B 290 18.18 -5.54 -16.32
N ILE B 291 18.22 -6.31 -15.24
CA ILE B 291 19.28 -6.15 -14.25
C ILE B 291 20.37 -7.15 -14.59
N SER B 292 19.94 -8.33 -15.03
CA SER B 292 20.85 -9.41 -15.31
C SER B 292 20.16 -10.40 -16.25
N GLY B 293 20.96 -11.02 -17.11
CA GLY B 293 20.43 -12.02 -18.05
C GLY B 293 20.25 -11.47 -19.45
N ALA B 294 19.85 -12.33 -20.38
CA ALA B 294 19.70 -11.92 -21.77
C ALA B 294 18.23 -11.95 -22.20
N PRO B 295 17.94 -11.37 -23.38
CA PRO B 295 16.59 -11.47 -23.91
C PRO B 295 16.27 -12.89 -24.31
N LEU B 296 15.00 -13.26 -24.27
CA LEU B 296 14.57 -14.57 -24.76
C LEU B 296 14.82 -14.73 -26.26
#